data_5Z6O
#
_entry.id   5Z6O
#
_cell.length_a   59.223
_cell.length_b   61.642
_cell.length_c   70.862
_cell.angle_alpha   90.00
_cell.angle_beta   90.00
_cell.angle_gamma   90.00
#
_symmetry.space_group_name_H-M   'P 21 21 21'
#
loop_
_entity.id
_entity.type
_entity.pdbx_description
1 polymer protease
2 non-polymer 'CALCIUM ION'
3 non-polymer 'phenylmethanesulfonic acid'
4 water water
#
_entity_poly.entity_id   1
_entity_poly.type   'polypeptide(L)'
_entity_poly.pdbx_seq_one_letter_code
;ANVVQRNSPSWGLSRISSKKSGATDYVYDSTAGEGIVIYGVDTGIDIGHADFGGRAEWGTNTADNDDTDGNGHGTHTAST
AAGSKFGVAKKASVVAVKVLGADGSGTNSQVIAGMDWAVKDSKSRGATGKSVMNMSLGGAYSRAMNDAAANVVRSGVFLS
VAAGNEAQDASNSSPASAPNVCTIAASTNSDGSASFTNFGSVVDLYAPGKDITAAYPGGGSKTLSGTSMAAPHVAGAAAY
LMALEGTTTSSACARIVQDAITKISGAPKGTTTKLLYNGING
;
_entity_poly.pdbx_strand_id   A
#
# COMPACT_ATOMS: atom_id res chain seq x y z
N ALA A 1 3.83 -10.47 -21.07
CA ALA A 1 2.75 -10.23 -22.04
C ALA A 1 1.57 -9.60 -21.31
N ASN A 2 0.71 -8.88 -22.03
CA ASN A 2 -0.43 -8.21 -21.38
C ASN A 2 -1.48 -9.20 -20.93
N VAL A 3 -1.94 -9.05 -19.69
CA VAL A 3 -3.06 -9.80 -19.13
C VAL A 3 -4.17 -8.79 -18.90
N VAL A 4 -5.41 -9.21 -19.13
CA VAL A 4 -6.54 -8.30 -18.96
C VAL A 4 -7.51 -8.92 -17.96
N GLN A 5 -7.87 -8.17 -16.93
CA GLN A 5 -8.90 -8.58 -15.99
C GLN A 5 -10.12 -7.74 -16.34
N ARG A 6 -11.09 -8.34 -17.02
CA ARG A 6 -12.23 -7.55 -17.47
C ARG A 6 -13.23 -7.30 -16.35
N ASN A 7 -13.88 -6.13 -16.41
CA ASN A 7 -14.90 -5.76 -15.41
C ASN A 7 -14.36 -5.93 -14.00
N SER A 8 -13.20 -5.34 -13.75
CA SER A 8 -12.54 -5.60 -12.49
C SER A 8 -13.46 -5.19 -11.33
N PRO A 9 -13.42 -5.90 -10.22
CA PRO A 9 -14.41 -5.70 -9.15
C PRO A 9 -14.16 -4.50 -8.26
N SER A 10 -13.10 -3.73 -8.51
CA SER A 10 -12.90 -2.47 -7.80
C SER A 10 -12.46 -1.44 -8.83
N TRP A 11 -13.10 -0.26 -8.84
CA TRP A 11 -12.75 0.78 -9.82
C TRP A 11 -11.29 1.20 -9.71
N GLY A 12 -10.66 1.03 -8.55
CA GLY A 12 -9.28 1.49 -8.40
C GLY A 12 -8.30 0.71 -9.26
N LEU A 13 -8.55 -0.59 -9.45
CA LEU A 13 -7.69 -1.39 -10.31
C LEU A 13 -7.75 -0.87 -11.75
N SER A 14 -8.95 -0.76 -12.29
CA SER A 14 -9.01 -0.34 -13.69
C SER A 14 -8.55 1.10 -13.85
N ARG A 15 -8.66 1.92 -12.80
CA ARG A 15 -8.19 3.30 -12.93
C ARG A 15 -6.70 3.36 -13.13
N ILE A 16 -5.94 2.51 -12.42
CA ILE A 16 -4.48 2.70 -12.45
C ILE A 16 -3.83 2.18 -13.72
N SER A 17 -4.58 1.48 -14.60
CA SER A 17 -4.04 1.07 -15.89
C SER A 17 -4.63 1.86 -17.03
N SER A 18 -5.22 3.00 -16.75
CA SER A 18 -5.90 3.80 -17.75
C SER A 18 -5.46 5.25 -17.63
N LYS A 19 -5.31 5.94 -18.77
CA LYS A 19 -4.97 7.34 -18.62
C LYS A 19 -6.19 8.18 -18.29
N LYS A 20 -7.38 7.71 -18.66
CA LYS A 20 -8.65 8.39 -18.42
C LYS A 20 -9.49 7.63 -17.41
N SER A 21 -10.31 8.36 -16.65
CA SER A 21 -11.21 7.65 -15.74
C SER A 21 -12.35 6.98 -16.52
N GLY A 22 -13.08 6.12 -15.82
CA GLY A 22 -14.20 5.40 -16.38
C GLY A 22 -13.87 4.05 -16.96
N ALA A 23 -12.62 3.63 -16.91
CA ALA A 23 -12.26 2.33 -17.47
C ALA A 23 -12.87 1.20 -16.66
N THR A 24 -13.08 0.05 -17.33
CA THR A 24 -13.68 -1.07 -16.62
C THR A 24 -12.75 -2.24 -16.47
N ASP A 25 -11.66 -2.30 -17.23
CA ASP A 25 -10.76 -3.44 -17.22
C ASP A 25 -9.40 -3.06 -16.65
N TYR A 26 -8.77 -4.02 -15.98
CA TYR A 26 -7.42 -3.83 -15.46
C TYR A 26 -6.42 -4.57 -16.35
N VAL A 27 -5.44 -3.85 -16.89
CA VAL A 27 -4.48 -4.40 -17.86
C VAL A 27 -3.09 -4.29 -17.23
N TYR A 28 -2.34 -5.40 -17.23
CA TYR A 28 -1.05 -5.44 -16.53
C TYR A 28 -0.17 -6.49 -17.20
N ASP A 29 1.13 -6.33 -17.06
CA ASP A 29 2.06 -7.33 -17.58
C ASP A 29 2.03 -8.61 -16.75
N SER A 30 2.13 -9.76 -17.43
CA SER A 30 1.99 -11.06 -16.77
C SER A 30 3.01 -11.32 -15.69
N THR A 31 4.13 -10.57 -15.65
CA THR A 31 5.08 -10.77 -14.54
C THR A 31 4.38 -10.56 -13.19
N ALA A 32 3.50 -9.56 -13.11
CA ALA A 32 2.52 -9.43 -12.02
C ALA A 32 3.16 -9.41 -10.64
N GLY A 33 4.36 -8.83 -10.50
CA GLY A 33 4.98 -8.74 -9.20
C GLY A 33 5.55 -10.03 -8.67
N GLU A 34 5.69 -11.05 -9.50
CA GLU A 34 6.16 -12.34 -8.98
C GLU A 34 7.56 -12.21 -8.41
N GLY A 35 7.79 -12.89 -7.28
CA GLY A 35 9.09 -12.87 -6.66
C GLY A 35 9.35 -11.70 -5.74
N ILE A 36 8.40 -10.78 -5.62
CA ILE A 36 8.53 -9.65 -4.70
C ILE A 36 7.75 -9.94 -3.43
N VAL A 37 8.32 -9.62 -2.26
CA VAL A 37 7.65 -9.81 -0.98
CA VAL A 37 7.67 -9.80 -0.97
C VAL A 37 7.06 -8.48 -0.53
N ILE A 38 5.80 -8.51 -0.12
CA ILE A 38 5.11 -7.34 0.42
C ILE A 38 4.80 -7.61 1.88
N TYR A 39 5.30 -6.74 2.76
CA TYR A 39 4.95 -6.84 4.17
C TYR A 39 3.75 -5.95 4.47
N GLY A 40 2.68 -6.55 4.97
CA GLY A 40 1.49 -5.81 5.36
C GLY A 40 1.53 -5.53 6.85
N VAL A 41 1.77 -4.28 7.22
CA VAL A 41 1.95 -3.91 8.63
C VAL A 41 0.63 -3.31 9.09
N ASP A 42 -0.20 -4.11 9.78
CA ASP A 42 -1.60 -3.76 9.94
C ASP A 42 -2.24 -4.63 11.03
N THR A 43 -3.55 -4.91 10.91
CA THR A 43 -4.25 -5.74 11.89
C THR A 43 -4.07 -7.25 11.70
N GLY A 44 -3.19 -7.69 10.81
CA GLY A 44 -3.12 -9.09 10.45
C GLY A 44 -3.84 -9.37 9.14
N ILE A 45 -3.64 -10.59 8.63
CA ILE A 45 -4.22 -11.00 7.35
C ILE A 45 -4.87 -12.35 7.52
N ASP A 46 -6.07 -12.51 6.95
CA ASP A 46 -6.71 -13.83 6.85
C ASP A 46 -6.01 -14.56 5.73
N ILE A 47 -4.89 -15.22 6.07
CA ILE A 47 -4.04 -15.80 5.04
C ILE A 47 -4.71 -16.98 4.36
N GLY A 48 -5.78 -17.52 4.96
CA GLY A 48 -6.52 -18.60 4.30
C GLY A 48 -7.50 -18.13 3.25
N HIS A 49 -7.63 -16.81 3.07
CA HIS A 49 -8.64 -16.29 2.16
C HIS A 49 -8.34 -16.73 0.74
N ALA A 50 -9.39 -17.04 -0.01
CA ALA A 50 -9.16 -17.54 -1.37
C ALA A 50 -8.42 -16.52 -2.24
N ASP A 51 -8.56 -15.22 -1.96
CA ASP A 51 -7.96 -14.20 -2.81
C ASP A 51 -6.44 -14.25 -2.79
N PHE A 52 -5.83 -14.81 -1.75
CA PHE A 52 -4.36 -14.90 -1.74
C PHE A 52 -3.82 -16.17 -2.39
N GLY A 53 -4.65 -17.19 -2.57
CA GLY A 53 -4.20 -18.37 -3.32
C GLY A 53 -2.93 -18.99 -2.80
N GLY A 54 -2.76 -19.05 -1.47
CA GLY A 54 -1.56 -19.62 -0.91
C GLY A 54 -0.34 -18.73 -0.89
N ARG A 55 -0.41 -17.49 -1.40
CA ARG A 55 0.75 -16.64 -1.46
C ARG A 55 0.94 -15.80 -0.21
N ALA A 56 0.02 -15.85 0.74
CA ALA A 56 0.13 -15.08 1.97
C ALA A 56 0.64 -15.99 3.08
N GLU A 57 1.60 -15.49 3.85
CA GLU A 57 2.10 -16.25 4.98
C GLU A 57 2.14 -15.37 6.21
N TRP A 58 2.12 -15.98 7.39
CA TRP A 58 2.12 -15.23 8.64
C TRP A 58 3.54 -14.92 9.04
N GLY A 59 3.85 -13.63 9.29
CA GLY A 59 5.19 -13.21 9.67
C GLY A 59 5.32 -13.13 11.18
N THR A 60 4.68 -12.15 11.81
CA THR A 60 4.78 -12.01 13.26
C THR A 60 3.58 -11.25 13.80
N ASN A 61 3.44 -11.23 15.12
CA ASN A 61 2.31 -10.61 15.80
C ASN A 61 2.90 -9.90 17.00
N THR A 62 2.94 -8.58 16.98
CA THR A 62 3.42 -7.83 18.13
C THR A 62 2.30 -7.25 18.97
N ALA A 63 1.04 -7.53 18.63
CA ALA A 63 -0.10 -6.94 19.30
C ALA A 63 -0.74 -7.85 20.34
N ASP A 64 -0.92 -9.13 20.06
CA ASP A 64 -1.61 -10.03 20.98
C ASP A 64 -1.20 -11.47 20.67
N ASN A 65 -1.99 -12.43 21.16
CA ASN A 65 -1.69 -13.85 21.00
CA ASN A 65 -1.65 -13.84 20.96
C ASN A 65 -2.62 -14.53 20.00
N ASP A 66 -3.40 -13.75 19.24
CA ASP A 66 -4.37 -14.28 18.29
C ASP A 66 -3.87 -14.00 16.87
N ASP A 67 -3.38 -15.03 16.18
CA ASP A 67 -2.72 -14.84 14.88
C ASP A 67 -3.73 -14.88 13.74
N THR A 68 -4.73 -14.02 13.89
CA THR A 68 -5.75 -13.84 12.87
C THR A 68 -5.99 -12.35 12.70
N ASP A 69 -6.65 -12.00 11.60
CA ASP A 69 -7.11 -10.62 11.41
C ASP A 69 -8.51 -10.48 12.04
N GLY A 70 -8.55 -9.98 13.26
CA GLY A 70 -9.85 -9.82 13.90
C GLY A 70 -10.54 -8.50 13.59
N ASN A 71 -9.95 -7.70 12.71
CA ASN A 71 -10.48 -6.38 12.39
C ASN A 71 -11.00 -6.31 10.97
N GLY A 72 -10.20 -6.74 10.00
CA GLY A 72 -10.59 -6.70 8.59
C GLY A 72 -9.71 -5.79 7.75
N HIS A 73 -9.16 -4.73 8.36
CA HIS A 73 -8.38 -3.76 7.58
C HIS A 73 -7.12 -4.40 7.01
N GLY A 74 -6.46 -5.25 7.79
CA GLY A 74 -5.20 -5.83 7.30
C GLY A 74 -5.41 -6.76 6.13
N THR A 75 -6.51 -7.52 6.13
CA THR A 75 -6.82 -8.39 5.00
C THR A 75 -7.21 -7.57 3.77
N HIS A 76 -7.98 -6.53 4.00
CA HIS A 76 -8.48 -5.71 2.90
C HIS A 76 -7.31 -5.01 2.20
N THR A 77 -6.40 -4.41 2.96
CA THR A 77 -5.27 -3.74 2.34
C THR A 77 -4.30 -4.72 1.69
N ALA A 78 -4.01 -5.85 2.35
CA ALA A 78 -3.19 -6.84 1.66
C ALA A 78 -3.84 -7.30 0.36
N SER A 79 -5.15 -7.41 0.35
CA SER A 79 -5.88 -7.86 -0.83
C SER A 79 -5.78 -6.85 -1.96
N THR A 80 -5.94 -5.56 -1.67
CA THR A 80 -5.72 -4.53 -2.69
C THR A 80 -4.31 -4.59 -3.25
N ALA A 81 -3.32 -4.90 -2.40
CA ALA A 81 -1.94 -4.89 -2.90
C ALA A 81 -1.68 -6.09 -3.80
N ALA A 82 -2.25 -7.28 -3.43
CA ALA A 82 -1.71 -8.51 -4.01
C ALA A 82 -2.74 -9.63 -4.18
N GLY A 83 -4.02 -9.38 -3.92
CA GLY A 83 -5.01 -10.43 -4.12
C GLY A 83 -5.24 -10.76 -5.59
N SER A 84 -5.61 -12.03 -5.84
CA SER A 84 -5.87 -12.49 -7.21
C SER A 84 -6.99 -11.70 -7.87
N LYS A 85 -8.11 -11.56 -7.19
CA LYS A 85 -9.24 -10.85 -7.77
C LYS A 85 -9.18 -9.36 -7.47
N PHE A 86 -8.81 -8.95 -6.25
CA PHE A 86 -8.94 -7.55 -5.89
C PHE A 86 -7.62 -6.79 -5.92
N GLY A 87 -6.53 -7.41 -6.39
CA GLY A 87 -5.22 -6.82 -6.16
C GLY A 87 -4.43 -6.37 -7.36
N VAL A 88 -3.45 -5.51 -7.10
CA VAL A 88 -2.59 -4.91 -8.13
C VAL A 88 -1.53 -5.91 -8.62
N ALA A 89 -0.79 -6.51 -7.69
CA ALA A 89 0.36 -7.36 -8.02
C ALA A 89 -0.06 -8.78 -7.69
N LYS A 90 -0.67 -9.44 -8.69
CA LYS A 90 -1.42 -10.66 -8.45
C LYS A 90 -0.54 -11.89 -8.22
N LYS A 91 0.77 -11.80 -8.37
CA LYS A 91 1.68 -12.93 -8.10
C LYS A 91 2.70 -12.64 -7.02
N ALA A 92 2.61 -11.48 -6.38
CA ALA A 92 3.53 -11.14 -5.30
C ALA A 92 3.30 -12.05 -4.10
N SER A 93 4.33 -12.17 -3.26
CA SER A 93 4.20 -12.82 -1.96
C SER A 93 3.81 -11.78 -0.90
N VAL A 94 3.02 -12.21 0.08
CA VAL A 94 2.47 -11.31 1.11
C VAL A 94 2.80 -11.89 2.47
N VAL A 95 3.27 -11.02 3.39
CA VAL A 95 3.65 -11.45 4.73
C VAL A 95 2.87 -10.62 5.74
N ALA A 96 2.13 -11.28 6.63
CA ALA A 96 1.35 -10.56 7.62
C ALA A 96 2.25 -10.12 8.75
N VAL A 97 2.27 -8.82 9.04
CA VAL A 97 2.92 -8.31 10.23
C VAL A 97 1.84 -7.66 11.08
N LYS A 98 1.34 -8.36 12.10
CA LYS A 98 0.22 -7.87 12.87
C LYS A 98 0.74 -7.00 14.01
N VAL A 99 0.40 -5.70 14.00
CA VAL A 99 0.91 -4.75 14.99
C VAL A 99 -0.23 -4.00 15.65
N LEU A 100 -1.46 -4.19 15.14
CA LEU A 100 -2.66 -3.58 15.69
C LEU A 100 -3.65 -4.67 16.08
N GLY A 101 -4.42 -4.41 17.14
CA GLY A 101 -5.37 -5.35 17.67
C GLY A 101 -6.68 -5.36 16.91
N ALA A 102 -7.64 -6.13 17.43
CA ALA A 102 -8.91 -6.26 16.72
C ALA A 102 -9.65 -4.93 16.62
N ASP A 103 -9.41 -3.98 17.52
CA ASP A 103 -10.08 -2.69 17.41
C ASP A 103 -9.30 -1.68 16.56
N GLY A 104 -8.20 -2.09 15.93
CA GLY A 104 -7.44 -1.22 15.07
C GLY A 104 -6.44 -0.32 15.77
N SER A 105 -6.26 -0.49 17.07
CA SER A 105 -5.30 0.33 17.81
C SER A 105 -4.04 -0.47 18.14
N GLY A 106 -2.96 0.27 18.35
CA GLY A 106 -1.73 -0.29 18.88
C GLY A 106 -0.79 0.85 19.24
N THR A 107 0.14 0.55 20.13
CA THR A 107 1.08 1.57 20.55
C THR A 107 2.20 1.71 19.54
N ASN A 108 2.87 2.85 19.56
CA ASN A 108 4.01 3.07 18.67
C ASN A 108 5.07 2.00 18.86
N SER A 109 5.33 1.57 20.10
CA SER A 109 6.41 0.61 20.24
C SER A 109 6.06 -0.73 19.60
N GLN A 110 4.78 -1.15 19.64
CA GLN A 110 4.38 -2.41 18.97
C GLN A 110 4.53 -2.31 17.46
N VAL A 111 4.15 -1.16 16.90
CA VAL A 111 4.31 -0.94 15.46
C VAL A 111 5.78 -1.00 15.07
N ILE A 112 6.62 -0.28 15.83
CA ILE A 112 8.03 -0.24 15.47
C ILE A 112 8.64 -1.62 15.58
N ALA A 113 8.25 -2.41 16.60
CA ALA A 113 8.73 -3.78 16.72
C ALA A 113 8.38 -4.61 15.49
N GLY A 114 7.18 -4.39 14.93
CA GLY A 114 6.82 -5.13 13.71
C GLY A 114 7.64 -4.69 12.50
N MET A 115 7.91 -3.38 12.39
CA MET A 115 8.75 -2.87 11.31
C MET A 115 10.15 -3.45 11.39
N ASP A 116 10.71 -3.47 12.61
CA ASP A 116 12.04 -4.04 12.82
CA ASP A 116 12.04 -4.04 12.83
C ASP A 116 12.08 -5.52 12.44
N TRP A 117 11.04 -6.27 12.84
CA TRP A 117 10.98 -7.69 12.47
C TRP A 117 11.02 -7.86 10.96
N ALA A 118 10.26 -7.02 10.25
CA ALA A 118 10.17 -7.17 8.80
C ALA A 118 11.50 -6.88 8.12
N VAL A 119 12.22 -5.86 8.60
CA VAL A 119 13.53 -5.56 7.99
C VAL A 119 14.47 -6.75 8.17
N LYS A 120 14.50 -7.33 9.37
CA LYS A 120 15.33 -8.51 9.60
C LYS A 120 14.95 -9.66 8.67
N ASP A 121 13.64 -9.90 8.54
CA ASP A 121 13.17 -10.97 7.66
C ASP A 121 13.57 -10.73 6.21
N SER A 122 13.49 -9.48 5.75
CA SER A 122 13.83 -9.22 4.37
CA SER A 122 13.84 -9.17 4.38
C SER A 122 15.31 -9.47 4.12
N LYS A 123 16.18 -9.13 5.09
CA LYS A 123 17.60 -9.49 4.95
C LYS A 123 17.76 -11.02 4.91
N SER A 124 17.12 -11.74 5.82
CA SER A 124 17.27 -13.19 5.88
CA SER A 124 17.27 -13.18 5.87
C SER A 124 16.82 -13.85 4.58
N ARG A 125 15.79 -13.31 3.91
CA ARG A 125 15.28 -13.83 2.64
C ARG A 125 16.14 -13.45 1.44
N GLY A 126 17.14 -12.60 1.62
CA GLY A 126 17.86 -12.01 0.51
C GLY A 126 17.03 -11.08 -0.34
N ALA A 127 16.03 -10.41 0.24
CA ALA A 127 15.11 -9.55 -0.52
C ALA A 127 15.49 -8.07 -0.43
N THR A 128 16.67 -7.75 0.07
CA THR A 128 17.10 -6.37 0.15
C THR A 128 17.10 -5.74 -1.24
N GLY A 129 16.45 -4.57 -1.35
CA GLY A 129 16.30 -3.87 -2.60
C GLY A 129 15.15 -4.32 -3.45
N LYS A 130 14.47 -5.41 -3.09
CA LYS A 130 13.32 -5.87 -3.84
C LYS A 130 12.24 -6.36 -2.90
N SER A 131 11.93 -5.52 -1.91
CA SER A 131 10.93 -5.80 -0.87
CA SER A 131 10.85 -5.84 -0.99
C SER A 131 10.06 -4.57 -0.73
N VAL A 132 8.80 -4.76 -0.27
CA VAL A 132 7.84 -3.67 -0.16
C VAL A 132 7.16 -3.76 1.19
N MET A 133 6.97 -2.61 1.83
CA MET A 133 6.23 -2.57 3.07
C MET A 133 5.08 -1.60 2.92
N ASN A 134 3.90 -2.01 3.35
CA ASN A 134 2.73 -1.13 3.31
C ASN A 134 2.32 -0.77 4.74
N MET A 135 2.12 0.52 5.01
CA MET A 135 1.71 0.97 6.33
C MET A 135 0.46 1.82 6.17
N SER A 136 -0.69 1.22 6.34
CA SER A 136 -1.95 1.96 6.24
C SER A 136 -2.42 2.35 7.63
N LEU A 137 -1.59 3.03 8.37
CA LEU A 137 -1.90 3.48 9.71
C LEU A 137 -1.08 4.75 9.93
N GLY A 138 -1.47 5.52 10.92
CA GLY A 138 -0.83 6.81 11.09
C GLY A 138 -1.24 7.36 12.42
N GLY A 139 -0.55 8.39 12.85
CA GLY A 139 -0.89 8.95 14.12
C GLY A 139 -0.23 10.28 14.27
N ALA A 140 -0.23 10.76 15.49
CA ALA A 140 0.37 12.06 15.79
C ALA A 140 1.86 12.00 15.49
N TYR A 141 2.45 13.17 15.29
CA TYR A 141 3.86 13.26 15.00
C TYR A 141 4.69 12.55 16.05
N SER A 142 5.68 11.79 15.60
CA SER A 142 6.58 11.08 16.50
C SER A 142 7.94 10.96 15.83
N ARG A 143 8.98 11.58 16.43
CA ARG A 143 10.32 11.43 15.89
C ARG A 143 10.73 9.96 15.82
N ALA A 144 10.39 9.18 16.85
CA ALA A 144 10.78 7.78 16.87
C ALA A 144 10.13 7.00 15.73
N MET A 145 8.85 7.23 15.49
CA MET A 145 8.20 6.57 14.35
C MET A 145 8.81 7.01 13.02
N ASN A 146 9.12 8.31 12.86
CA ASN A 146 9.76 8.75 11.63
C ASN A 146 11.14 8.14 11.45
N ASP A 147 11.93 8.04 12.53
CA ASP A 147 13.23 7.37 12.44
C ASP A 147 13.09 5.92 12.01
N ALA A 148 12.12 5.21 12.61
CA ALA A 148 11.93 3.80 12.26
C ALA A 148 11.58 3.66 10.78
N ALA A 149 10.67 4.51 10.30
CA ALA A 149 10.30 4.46 8.87
C ALA A 149 11.49 4.74 7.97
N ALA A 150 12.28 5.78 8.30
CA ALA A 150 13.44 6.08 7.49
C ALA A 150 14.41 4.91 7.49
N ASN A 151 14.54 4.23 8.62
CA ASN A 151 15.43 3.06 8.67
C ASN A 151 14.94 1.93 7.77
N VAL A 152 13.62 1.73 7.70
CA VAL A 152 13.10 0.70 6.78
C VAL A 152 13.63 0.98 5.38
N VAL A 153 13.47 2.23 4.92
CA VAL A 153 13.84 2.54 3.54
C VAL A 153 15.36 2.42 3.36
N ARG A 154 16.12 2.91 4.34
CA ARG A 154 17.58 2.84 4.25
C ARG A 154 18.07 1.39 4.20
N SER A 155 17.29 0.45 4.75
CA SER A 155 17.63 -0.97 4.76
C SER A 155 17.18 -1.72 3.51
N GLY A 156 16.73 -1.00 2.47
CA GLY A 156 16.37 -1.63 1.21
C GLY A 156 14.94 -2.12 1.09
N VAL A 157 13.99 -1.55 1.85
CA VAL A 157 12.57 -1.91 1.75
C VAL A 157 11.78 -0.65 1.36
N PHE A 158 11.05 -0.72 0.24
CA PHE A 158 10.22 0.41 -0.19
C PHE A 158 9.06 0.54 0.78
N LEU A 159 8.68 1.77 1.13
CA LEU A 159 7.68 1.93 2.16
C LEU A 159 6.59 2.88 1.67
N SER A 160 5.39 2.34 1.48
N SER A 160 5.39 2.36 1.43
CA SER A 160 4.20 3.12 1.13
CA SER A 160 4.25 3.20 1.11
C SER A 160 3.39 3.42 2.39
C SER A 160 3.42 3.44 2.37
N VAL A 161 3.05 4.69 2.60
CA VAL A 161 2.38 5.12 3.83
C VAL A 161 1.11 5.90 3.50
N ALA A 162 0.02 5.58 4.20
CA ALA A 162 -1.20 6.37 4.09
C ALA A 162 -0.96 7.79 4.60
N ALA A 163 -1.49 8.78 3.87
CA ALA A 163 -1.22 10.15 4.32
C ALA A 163 -2.02 10.53 5.56
N GLY A 164 -3.12 9.84 5.83
CA GLY A 164 -3.99 10.20 6.93
C GLY A 164 -5.33 10.76 6.46
N ASN A 165 -6.29 10.74 7.36
CA ASN A 165 -7.68 11.03 7.01
C ASN A 165 -8.27 12.24 7.73
N GLU A 166 -7.46 13.21 8.13
CA GLU A 166 -7.99 14.29 8.95
C GLU A 166 -8.13 15.60 8.18
N ALA A 167 -8.09 15.55 6.86
CA ALA A 167 -8.20 16.73 6.01
C ALA A 167 -7.26 17.82 6.51
N GLN A 168 -6.01 17.46 6.75
CA GLN A 168 -5.03 18.44 7.16
C GLN A 168 -3.71 18.18 6.49
N ASP A 169 -2.77 19.09 6.70
CA ASP A 169 -1.44 18.90 6.15
C ASP A 169 -0.77 17.69 6.79
N ALA A 170 -0.32 16.75 5.96
CA ALA A 170 0.23 15.51 6.48
C ALA A 170 1.59 15.69 7.12
N SER A 171 2.20 16.87 7.07
CA SER A 171 3.48 17.02 7.76
C SER A 171 3.36 16.89 9.27
N ASN A 172 2.15 16.97 9.82
CA ASN A 172 1.91 16.82 11.26
C ASN A 172 1.63 15.38 11.67
N SER A 173 1.87 14.42 10.78
CA SER A 173 1.52 13.04 11.02
CA SER A 173 1.52 13.04 11.04
C SER A 173 2.74 12.16 10.82
N SER A 174 2.79 11.04 11.54
CA SER A 174 3.86 10.08 11.43
C SER A 174 3.26 8.70 11.18
N PRO A 175 3.83 7.91 10.27
CA PRO A 175 5.07 8.15 9.52
C PRO A 175 4.90 8.91 8.19
N ALA A 176 3.73 9.53 7.93
CA ALA A 176 3.54 10.23 6.66
C ALA A 176 4.62 11.28 6.41
N SER A 177 5.11 11.93 7.48
CA SER A 177 6.08 13.01 7.34
C SER A 177 7.52 12.51 7.32
N ALA A 178 7.74 11.20 7.35
CA ALA A 178 9.09 10.67 7.53
C ALA A 178 9.93 10.83 6.27
N PRO A 179 11.27 10.86 6.43
CA PRO A 179 12.16 11.00 5.27
C PRO A 179 12.08 9.77 4.36
N ASN A 180 11.92 10.02 3.06
CA ASN A 180 12.09 9.03 2.00
C ASN A 180 11.00 7.99 1.89
N VAL A 181 9.88 8.12 2.61
CA VAL A 181 8.76 7.20 2.42
C VAL A 181 7.93 7.70 1.28
N CYS A 182 7.03 6.85 0.76
CA CYS A 182 6.19 7.23 -0.36
C CYS A 182 4.81 7.46 0.25
N THR A 183 4.42 8.73 0.40
CA THR A 183 3.23 9.10 1.15
C THR A 183 2.06 9.33 0.19
N ILE A 184 0.93 8.66 0.45
CA ILE A 184 -0.11 8.47 -0.58
C ILE A 184 -1.42 9.11 -0.12
N ALA A 185 -1.96 10.01 -0.93
CA ALA A 185 -3.27 10.60 -0.68
C ALA A 185 -4.34 9.86 -1.48
N ALA A 186 -5.60 10.09 -1.10
CA ALA A 186 -6.72 9.29 -1.61
C ALA A 186 -7.51 10.03 -2.67
N SER A 187 -7.79 9.37 -3.81
CA SER A 187 -8.58 9.96 -4.88
C SER A 187 -9.94 9.27 -4.98
N THR A 188 -10.87 9.88 -5.72
CA THR A 188 -12.21 9.33 -5.92
C THR A 188 -12.38 8.89 -7.36
N ASN A 189 -13.52 8.23 -7.64
CA ASN A 189 -13.72 7.66 -8.98
C ASN A 189 -13.97 8.72 -10.03
N SER A 190 -14.23 9.98 -9.64
CA SER A 190 -14.34 11.08 -10.58
C SER A 190 -13.02 11.82 -10.71
N ASP A 191 -11.94 11.27 -10.13
CA ASP A 191 -10.61 11.86 -10.12
C ASP A 191 -10.55 13.10 -9.23
N GLY A 192 -11.41 13.20 -8.24
CA GLY A 192 -11.26 14.25 -7.26
C GLY A 192 -10.40 13.84 -6.09
N SER A 193 -9.99 14.84 -5.31
CA SER A 193 -9.29 14.60 -4.07
C SER A 193 -10.35 14.28 -3.03
N ALA A 194 -10.24 13.12 -2.38
CA ALA A 194 -11.26 12.70 -1.42
C ALA A 194 -11.35 13.71 -0.29
N SER A 195 -12.57 13.96 0.21
CA SER A 195 -12.74 15.06 1.17
C SER A 195 -11.95 14.85 2.45
N PHE A 196 -11.75 13.60 2.87
CA PHE A 196 -11.06 13.32 4.11
C PHE A 196 -9.54 13.30 3.99
N THR A 197 -8.96 13.33 2.79
CA THR A 197 -7.54 13.02 2.68
C THR A 197 -6.67 14.13 3.24
N ASN A 198 -5.59 13.72 3.91
CA ASN A 198 -4.52 14.66 4.22
C ASN A 198 -3.82 15.04 2.94
N PHE A 199 -3.09 16.16 2.97
CA PHE A 199 -2.54 16.76 1.75
C PHE A 199 -1.23 17.46 2.12
N GLY A 200 -0.73 18.26 1.19
CA GLY A 200 0.45 19.07 1.45
C GLY A 200 1.65 18.56 0.68
N SER A 201 2.77 19.22 0.93
CA SER A 201 3.95 19.00 0.12
C SER A 201 4.61 17.65 0.40
N VAL A 202 4.30 17.00 1.52
CA VAL A 202 4.93 15.70 1.73
C VAL A 202 4.24 14.58 0.96
N VAL A 203 3.06 14.85 0.39
CA VAL A 203 2.38 13.82 -0.40
C VAL A 203 3.11 13.61 -1.71
N ASP A 204 3.44 12.35 -2.01
CA ASP A 204 4.14 12.04 -3.24
C ASP A 204 3.18 11.87 -4.42
N LEU A 205 2.01 11.26 -4.18
CA LEU A 205 1.01 11.11 -5.24
C LEU A 205 -0.32 10.64 -4.64
N TYR A 206 -1.34 10.62 -5.48
CA TYR A 206 -2.68 10.11 -5.18
C TYR A 206 -2.80 8.69 -5.70
N ALA A 207 -3.68 7.92 -5.04
CA ALA A 207 -4.11 6.64 -5.56
C ALA A 207 -5.55 6.44 -5.13
N PRO A 208 -6.28 5.53 -5.78
CA PRO A 208 -7.70 5.37 -5.47
C PRO A 208 -7.92 5.03 -4.02
N GLY A 209 -8.84 5.76 -3.37
CA GLY A 209 -8.97 5.60 -1.95
C GLY A 209 -10.38 5.68 -1.45
N LYS A 210 -11.35 5.97 -2.32
CA LYS A 210 -12.74 6.04 -1.88
C LYS A 210 -13.53 4.93 -2.53
N ASP A 211 -14.29 4.19 -1.71
CA ASP A 211 -15.12 3.06 -2.17
C ASP A 211 -14.28 2.03 -2.91
N ILE A 212 -13.32 1.46 -2.18
CA ILE A 212 -12.40 0.46 -2.71
C ILE A 212 -12.84 -0.91 -2.20
N THR A 213 -13.10 -1.86 -3.10
CA THR A 213 -13.56 -3.18 -2.74
C THR A 213 -12.40 -4.16 -2.69
N ALA A 214 -12.32 -4.97 -1.63
CA ALA A 214 -11.27 -5.97 -1.52
C ALA A 214 -11.68 -7.06 -0.53
N ALA A 215 -10.81 -8.04 -0.32
CA ALA A 215 -11.14 -9.21 0.51
C ALA A 215 -11.37 -8.81 1.97
N TYR A 216 -12.19 -9.61 2.66
CA TYR A 216 -12.46 -9.40 4.07
C TYR A 216 -12.43 -10.76 4.76
N PRO A 217 -12.00 -10.82 6.02
CA PRO A 217 -11.85 -12.13 6.68
C PRO A 217 -13.10 -13.00 6.55
N GLY A 218 -12.88 -14.28 6.30
CA GLY A 218 -13.96 -15.23 6.22
C GLY A 218 -14.47 -15.51 4.82
N GLY A 219 -13.82 -14.98 3.79
CA GLY A 219 -14.06 -15.37 2.41
C GLY A 219 -14.87 -14.41 1.56
N GLY A 220 -15.49 -13.39 2.14
CA GLY A 220 -16.21 -12.39 1.36
C GLY A 220 -15.36 -11.18 1.00
N SER A 221 -16.04 -10.07 0.73
CA SER A 221 -15.38 -8.84 0.34
C SER A 221 -16.09 -7.67 1.01
N LYS A 222 -15.44 -6.52 1.00
CA LYS A 222 -16.00 -5.33 1.65
C LYS A 222 -15.53 -4.11 0.89
N THR A 223 -16.35 -3.06 0.87
CA THR A 223 -16.03 -1.79 0.24
C THR A 223 -15.77 -0.73 1.32
N LEU A 224 -14.56 -0.15 1.33
CA LEU A 224 -14.12 0.74 2.41
C LEU A 224 -13.50 1.99 1.80
N SER A 225 -13.32 3.05 2.62
CA SER A 225 -12.71 4.29 2.17
C SER A 225 -11.67 4.77 3.17
N GLY A 226 -10.60 5.34 2.64
CA GLY A 226 -9.58 5.95 3.47
C GLY A 226 -8.29 5.99 2.71
N THR A 227 -7.36 6.81 3.19
CA THR A 227 -6.01 6.71 2.61
C THR A 227 -5.38 5.35 2.92
N SER A 228 -5.92 4.61 3.90
CA SER A 228 -5.53 3.21 4.09
C SER A 228 -5.75 2.38 2.84
N MET A 229 -6.78 2.70 2.05
CA MET A 229 -7.06 1.98 0.82
C MET A 229 -6.20 2.45 -0.34
N ALA A 230 -5.70 3.67 -0.27
CA ALA A 230 -4.89 4.26 -1.31
C ALA A 230 -3.47 3.70 -1.27
N ALA A 231 -2.86 3.68 -0.09
CA ALA A 231 -1.47 3.21 0.02
C ALA A 231 -1.20 1.83 -0.59
N PRO A 232 -2.03 0.79 -0.37
CA PRO A 232 -1.69 -0.52 -0.92
C PRO A 232 -1.77 -0.57 -2.44
N HIS A 233 -2.51 0.33 -3.10
CA HIS A 233 -2.39 0.38 -4.57
C HIS A 233 -0.95 0.68 -4.94
N VAL A 234 -0.30 1.58 -4.19
CA VAL A 234 1.06 1.98 -4.50
C VAL A 234 2.04 0.88 -4.08
N ALA A 235 1.77 0.20 -2.97
CA ALA A 235 2.59 -0.95 -2.59
C ALA A 235 2.57 -1.99 -3.71
N GLY A 236 1.38 -2.30 -4.21
CA GLY A 236 1.29 -3.27 -5.29
C GLY A 236 1.98 -2.78 -6.55
N ALA A 237 1.80 -1.50 -6.91
CA ALA A 237 2.45 -1.00 -8.11
C ALA A 237 3.96 -1.05 -7.98
N ALA A 238 4.51 -0.78 -6.78
CA ALA A 238 5.94 -0.88 -6.62
C ALA A 238 6.41 -2.31 -6.84
N ALA A 239 5.68 -3.28 -6.28
CA ALA A 239 6.09 -4.67 -6.47
C ALA A 239 6.03 -5.04 -7.95
N TYR A 240 4.97 -4.60 -8.63
CA TYR A 240 4.83 -4.79 -10.07
C TYR A 240 6.03 -4.22 -10.83
N LEU A 241 6.42 -2.97 -10.53
CA LEU A 241 7.49 -2.35 -11.30
C LEU A 241 8.83 -2.98 -10.98
N MET A 242 9.03 -3.43 -9.74
CA MET A 242 10.25 -4.12 -9.39
C MET A 242 10.41 -5.38 -10.21
N ALA A 243 9.34 -6.17 -10.33
CA ALA A 243 9.47 -7.43 -11.06
C ALA A 243 9.50 -7.19 -12.57
N LEU A 244 8.90 -6.09 -13.04
CA LEU A 244 8.84 -5.79 -14.47
C LEU A 244 10.12 -5.12 -14.98
N GLU A 245 10.48 -3.99 -14.38
CA GLU A 245 11.58 -3.14 -14.85
C GLU A 245 12.86 -3.33 -14.05
N GLY A 246 12.79 -4.00 -12.91
CA GLY A 246 13.95 -4.16 -12.07
C GLY A 246 14.30 -2.93 -11.26
N THR A 247 13.40 -1.98 -11.10
CA THR A 247 13.72 -0.83 -10.26
C THR A 247 13.95 -1.29 -8.81
N THR A 248 14.84 -0.61 -8.12
CA THR A 248 15.14 -1.00 -6.75
C THR A 248 14.28 -0.21 -5.75
N THR A 249 14.22 -0.71 -4.51
CA THR A 249 13.41 -0.07 -3.47
C THR A 249 13.71 1.42 -3.32
N SER A 250 14.99 1.82 -3.39
CA SER A 250 15.33 3.23 -3.15
C SER A 250 14.84 4.15 -4.27
N SER A 251 14.60 3.63 -5.48
CA SER A 251 14.18 4.45 -6.62
C SER A 251 12.70 4.29 -6.97
N ALA A 252 11.98 3.41 -6.26
CA ALA A 252 10.64 3.04 -6.70
C ALA A 252 9.66 4.19 -6.52
N CYS A 253 9.77 4.96 -5.42
CA CYS A 253 8.80 6.07 -5.29
C CYS A 253 9.02 7.07 -6.41
N ALA A 254 10.29 7.37 -6.72
CA ALA A 254 10.55 8.36 -7.76
C ALA A 254 10.08 7.87 -9.13
N ARG A 255 10.21 6.57 -9.38
CA ARG A 255 9.76 6.02 -10.66
C ARG A 255 8.23 6.05 -10.76
N ILE A 256 7.53 5.72 -9.69
CA ILE A 256 6.07 5.81 -9.67
C ILE A 256 5.63 7.26 -9.89
N VAL A 257 6.33 8.22 -9.28
CA VAL A 257 5.93 9.61 -9.47
C VAL A 257 6.16 10.04 -10.92
N GLN A 258 7.24 9.55 -11.53
CA GLN A 258 7.56 9.87 -12.92
C GLN A 258 6.49 9.31 -13.87
N ASP A 259 6.02 8.10 -13.61
CA ASP A 259 4.97 7.47 -14.45
C ASP A 259 3.60 8.10 -14.24
N ALA A 260 3.36 8.69 -13.08
CA ALA A 260 2.01 9.16 -12.72
C ALA A 260 1.54 10.29 -13.65
N ILE A 261 0.22 10.40 -13.82
CA ILE A 261 -0.40 11.38 -14.73
C ILE A 261 -1.06 12.47 -13.91
N THR A 262 -1.00 13.72 -14.41
CA THR A 262 -1.56 14.82 -13.64
C THR A 262 -3.08 14.84 -13.87
N LYS A 263 -3.77 14.00 -13.09
CA LYS A 263 -5.19 13.80 -13.32
C LYS A 263 -6.11 14.33 -12.25
N ILE A 264 -5.59 14.66 -11.06
CA ILE A 264 -6.50 14.99 -9.98
C ILE A 264 -7.07 16.39 -10.18
N SER A 265 -8.39 16.50 -9.95
N SER A 265 -8.38 16.49 -9.97
CA SER A 265 -9.14 17.72 -10.26
CA SER A 265 -9.13 17.73 -10.06
C SER A 265 -8.94 18.80 -9.20
C SER A 265 -9.29 18.30 -8.65
N GLY A 266 -9.50 18.63 -8.01
N GLY A 266 -9.00 19.59 -8.49
CA GLY A 266 -9.45 19.70 -7.04
CA GLY A 266 -9.22 20.24 -7.21
C GLY A 266 -8.43 19.47 -5.96
C GLY A 266 -8.39 19.71 -6.06
N ALA A 267 -7.15 19.31 -6.32
CA ALA A 267 -6.21 18.99 -5.26
C ALA A 267 -5.95 20.22 -4.41
N PRO A 268 -5.85 20.08 -3.11
CA PRO A 268 -5.53 21.24 -2.26
C PRO A 268 -4.26 21.99 -2.68
N LYS A 269 -4.16 23.28 -2.34
CA LYS A 269 -3.01 24.05 -2.82
C LYS A 269 -1.74 23.54 -2.16
N GLY A 270 -0.66 23.54 -2.93
CA GLY A 270 0.59 23.01 -2.44
C GLY A 270 0.67 21.49 -2.50
N THR A 271 -0.32 20.82 -3.10
CA THR A 271 -0.38 19.35 -3.19
C THR A 271 -0.28 18.92 -4.65
N THR A 272 0.52 17.89 -4.90
CA THR A 272 0.62 17.31 -6.24
C THR A 272 -0.73 16.88 -6.74
N THR A 273 -0.90 16.90 -8.07
CA THR A 273 -2.11 16.38 -8.67
C THR A 273 -1.85 15.09 -9.44
N LYS A 274 -0.72 14.42 -9.16
CA LYS A 274 -0.34 13.19 -9.84
C LYS A 274 -1.11 12.00 -9.29
N LEU A 275 -1.55 11.15 -10.22
CA LEU A 275 -2.36 9.96 -9.90
C LEU A 275 -1.63 8.73 -10.38
N LEU A 276 -1.57 7.68 -9.54
CA LEU A 276 -0.91 6.42 -9.88
C LEU A 276 -1.33 5.90 -11.26
N TYR A 277 -0.33 5.52 -12.06
CA TYR A 277 -0.51 4.94 -13.40
C TYR A 277 0.56 3.88 -13.61
N ASN A 278 0.19 2.67 -14.08
CA ASN A 278 1.16 1.58 -14.13
C ASN A 278 2.01 1.57 -15.40
N GLY A 279 1.80 2.50 -16.33
CA GLY A 279 2.68 2.63 -17.48
C GLY A 279 2.42 1.65 -18.60
N ILE A 280 1.27 0.99 -18.61
CA ILE A 280 1.06 -0.14 -19.51
C ILE A 280 0.84 0.33 -20.94
N ASN A 281 0.34 1.55 -21.12
CA ASN A 281 0.06 2.17 -22.42
C ASN A 281 -0.81 1.27 -23.29
N GLY A 282 -2.01 0.97 -22.78
CA GLY A 282 -2.87 -0.04 -23.35
C GLY A 282 -3.61 0.40 -24.60
#